data_4GJ4
#
_entry.id   4GJ4
#
_cell.length_a   95.424
_cell.length_b   95.424
_cell.length_c   317.693
_cell.angle_alpha   90.00
_cell.angle_beta   90.00
_cell.angle_gamma   120.00
#
_symmetry.space_group_name_H-M   'H 3 2'
#
loop_
_entity.id
_entity.type
_entity.pdbx_description
1 polymer 'Soluble guanylyl cyclase alpha-1 subunit'
2 non-polymer 'SULFATE ION'
3 water water
#
_entity_poly.entity_id   1
_entity_poly.type   'polypeptide(L)'
_entity_poly.pdbx_seq_one_letter_code
;IGVASFAKAFPWHFITDKRLELVQLGAGFMRLFGTHLATHGSSLGTYFRLLRPRGVPLDFREILKRVNTPFMFALKMPGS
TALAEGLEIKGQMVFAAESDSLLFVGSPFLDGLEGLTGRGLFISDI
;
_entity_poly.pdbx_strand_id   A,B,C,D
#
# COMPACT_ATOMS: atom_id res chain seq x y z
N ILE A 1 19.91 5.23 8.67
CA ILE A 1 18.64 4.45 8.74
C ILE A 1 18.87 3.18 7.93
N GLY A 2 18.32 2.05 8.37
CA GLY A 2 18.33 0.83 7.54
C GLY A 2 17.46 0.89 6.28
N VAL A 3 17.79 0.07 5.28
CA VAL A 3 17.09 0.05 4.00
C VAL A 3 15.60 -0.38 4.18
N ALA A 4 15.33 -1.37 5.03
CA ALA A 4 13.95 -1.80 5.24
C ALA A 4 13.15 -0.68 5.92
N SER A 5 13.76 0.04 6.88
CA SER A 5 13.03 1.13 7.59
C SER A 5 12.81 2.34 6.66
N PHE A 6 13.80 2.68 5.83
CA PHE A 6 13.67 3.74 4.84
C PHE A 6 12.49 3.46 3.92
N ALA A 7 12.44 2.24 3.39
CA ALA A 7 11.41 1.81 2.43
C ALA A 7 10.00 2.00 2.96
N LYS A 8 9.83 1.85 4.27
CA LYS A 8 8.49 2.00 4.87
C LYS A 8 7.89 3.41 4.74
N ALA A 9 8.68 4.44 4.45
CA ALA A 9 8.09 5.71 4.11
C ALA A 9 7.35 5.74 2.73
N PHE A 10 7.43 4.65 1.95
CA PHE A 10 6.91 4.60 0.58
C PHE A 10 5.85 3.50 0.42
N PRO A 11 4.59 3.86 0.13
CA PRO A 11 3.56 2.80 -0.05
C PRO A 11 3.84 1.89 -1.24
N TRP A 12 4.55 2.40 -2.25
CA TRP A 12 4.85 1.61 -3.47
C TRP A 12 6.30 1.26 -3.53
N HIS A 13 6.68 0.23 -2.77
CA HIS A 13 8.02 -0.27 -2.77
C HIS A 13 8.00 -1.76 -2.62
N PHE A 14 9.11 -2.39 -2.95
CA PHE A 14 9.32 -3.76 -2.58
C PHE A 14 10.79 -3.94 -2.32
N ILE A 15 11.14 -4.96 -1.56
CA ILE A 15 12.55 -5.30 -1.31
C ILE A 15 12.64 -6.79 -1.65
N THR A 16 13.69 -7.21 -2.37
CA THR A 16 13.93 -8.61 -2.61
C THR A 16 15.27 -9.01 -2.07
N ASP A 17 15.43 -10.32 -1.85
CA ASP A 17 16.76 -10.92 -1.64
C ASP A 17 17.43 -11.23 -2.99
N LYS A 18 18.56 -11.94 -2.94
CA LYS A 18 19.35 -12.15 -4.13
C LYS A 18 18.75 -13.22 -5.03
N ARG A 19 17.67 -13.87 -4.60
CA ARG A 19 16.96 -14.81 -5.49
C ARG A 19 15.66 -14.19 -6.05
N LEU A 20 15.51 -12.88 -5.83
CA LEU A 20 14.33 -12.12 -6.25
C LEU A 20 13.08 -12.59 -5.48
N GLU A 21 13.24 -13.16 -4.29
CA GLU A 21 12.12 -13.45 -3.43
C GLU A 21 11.81 -12.18 -2.65
N LEU A 22 10.53 -11.85 -2.56
CA LEU A 22 10.11 -10.65 -1.85
C LEU A 22 10.32 -10.83 -0.35
N VAL A 23 10.99 -9.87 0.27
CA VAL A 23 11.16 -9.85 1.72
C VAL A 23 10.39 -8.71 2.41
N GLN A 24 9.89 -7.75 1.65
CA GLN A 24 9.10 -6.67 2.20
C GLN A 24 8.33 -6.04 1.05
N LEU A 25 7.10 -5.62 1.34
CA LEU A 25 6.20 -4.95 0.37
C LEU A 25 5.60 -3.72 1.00
N GLY A 26 5.48 -2.66 0.25
CA GLY A 26 4.87 -1.44 0.73
C GLY A 26 3.35 -1.61 0.83
N ALA A 27 2.72 -0.71 1.57
CA ALA A 27 1.29 -0.74 1.90
C ALA A 27 0.37 -0.74 0.68
N GLY A 28 0.81 -0.09 -0.37
CA GLY A 28 0.05 -0.04 -1.62
C GLY A 28 -0.03 -1.45 -2.22
N PHE A 29 1.11 -2.10 -2.36
CA PHE A 29 1.13 -3.42 -2.93
C PHE A 29 0.45 -4.43 -1.98
N MET A 30 0.64 -4.24 -0.69
CA MET A 30 -0.04 -5.11 0.27
C MET A 30 -1.56 -5.06 0.13
N ARG A 31 -2.11 -3.87 -0.11
CA ARG A 31 -3.54 -3.67 -0.39
C ARG A 31 -3.97 -4.44 -1.62
N LEU A 32 -3.16 -4.40 -2.66
CA LEU A 32 -3.55 -5.00 -3.91
C LEU A 32 -3.43 -6.52 -3.94
N PHE A 33 -2.36 -7.09 -3.37
CA PHE A 33 -2.15 -8.55 -3.47
C PHE A 33 -1.55 -9.23 -2.25
N GLY A 34 -1.46 -8.49 -1.14
CA GLY A 34 -1.03 -9.05 0.14
C GLY A 34 -1.78 -10.31 0.61
N THR A 35 -3.08 -10.38 0.33
CA THR A 35 -3.97 -11.53 0.63
C THR A 35 -3.54 -12.84 -0.03
N HIS A 36 -2.79 -12.72 -1.12
CA HIS A 36 -2.39 -13.83 -1.95
C HIS A 36 -0.99 -14.32 -1.66
N LEU A 37 -0.25 -13.67 -0.77
CA LEU A 37 1.15 -14.06 -0.59
C LEU A 37 1.25 -15.50 -0.05
N ALA A 38 0.30 -15.89 0.82
CA ALA A 38 0.32 -17.20 1.46
C ALA A 38 0.16 -18.32 0.41
N THR A 39 -0.75 -18.12 -0.53
CA THR A 39 -1.10 -19.13 -1.52
C THR A 39 -0.20 -19.07 -2.77
N HIS A 40 0.20 -17.87 -3.18
CA HIS A 40 0.91 -17.66 -4.44
C HIS A 40 2.42 -17.48 -4.31
N GLY A 41 2.94 -17.37 -3.08
CA GLY A 41 4.37 -17.36 -2.87
C GLY A 41 4.93 -15.95 -2.88
N SER A 42 6.24 -15.87 -2.85
CA SER A 42 6.92 -14.60 -2.71
C SER A 42 7.86 -14.24 -3.87
N SER A 43 7.79 -15.00 -4.96
CA SER A 43 8.66 -14.70 -6.13
C SER A 43 8.21 -13.41 -6.77
N LEU A 44 9.14 -12.49 -6.98
CA LEU A 44 8.83 -11.21 -7.65
C LEU A 44 8.07 -11.37 -8.94
N GLY A 45 8.49 -12.33 -9.77
CA GLY A 45 7.88 -12.58 -11.06
C GLY A 45 6.45 -13.09 -11.00
N THR A 46 6.03 -13.57 -9.84
CA THR A 46 4.63 -13.95 -9.67
C THR A 46 3.70 -12.73 -9.76
N TYR A 47 4.17 -11.56 -9.32
CA TYR A 47 3.31 -10.36 -9.19
C TYR A 47 3.69 -9.21 -10.10
N PHE A 48 4.90 -9.27 -10.67
CA PHE A 48 5.45 -8.15 -11.45
C PHE A 48 6.02 -8.56 -12.81
N ARG A 49 5.73 -7.76 -13.83
N ARG A 49 5.74 -7.73 -13.82
CA ARG A 49 6.38 -7.86 -15.13
CA ARG A 49 6.34 -7.82 -15.14
C ARG A 49 7.28 -6.63 -15.29
C ARG A 49 7.27 -6.62 -15.26
N LEU A 50 8.52 -6.84 -15.63
CA LEU A 50 9.50 -5.74 -15.85
C LEU A 50 9.27 -5.12 -17.23
N LEU A 51 8.91 -3.84 -17.28
CA LEU A 51 8.67 -3.13 -18.53
C LEU A 51 9.90 -2.33 -18.99
N ARG A 52 10.58 -1.68 -18.04
CA ARG A 52 11.71 -0.83 -18.31
C ARG A 52 12.70 -1.09 -17.18
N PRO A 53 13.98 -1.28 -17.49
CA PRO A 53 14.54 -1.24 -18.83
C PRO A 53 14.10 -2.42 -19.70
N ARG A 54 13.99 -2.17 -21.01
CA ARG A 54 13.40 -3.12 -21.94
C ARG A 54 14.34 -4.26 -22.17
N GLY A 55 13.77 -5.47 -22.33
CA GLY A 55 14.57 -6.62 -22.75
C GLY A 55 15.46 -7.18 -21.64
N VAL A 56 15.21 -6.81 -20.38
CA VAL A 56 15.99 -7.30 -19.21
C VAL A 56 15.22 -8.43 -18.54
N PRO A 57 15.82 -9.64 -18.44
CA PRO A 57 15.14 -10.75 -17.74
C PRO A 57 14.95 -10.46 -16.25
N LEU A 58 13.92 -11.04 -15.61
CA LEU A 58 13.75 -10.96 -14.15
C LEU A 58 14.74 -11.90 -13.50
N ASP A 59 15.98 -11.43 -13.37
CA ASP A 59 17.11 -12.19 -12.86
C ASP A 59 17.94 -11.18 -12.08
N PHE A 60 18.32 -11.54 -10.86
CA PHE A 60 19.07 -10.64 -9.97
C PHE A 60 20.31 -10.03 -10.64
N ARG A 61 21.20 -10.87 -11.14
CA ARG A 61 22.41 -10.38 -11.79
C ARG A 61 22.13 -9.40 -12.95
N GLU A 62 21.09 -9.65 -13.72
CA GLU A 62 20.84 -8.80 -14.88
C GLU A 62 20.28 -7.47 -14.45
N ILE A 63 19.46 -7.47 -13.37
CA ILE A 63 18.87 -6.24 -12.84
C ILE A 63 19.97 -5.40 -12.22
N LEU A 64 20.87 -6.08 -11.54
CA LEU A 64 21.95 -5.44 -10.82
C LEU A 64 22.85 -4.68 -11.78
N LYS A 65 23.09 -5.24 -12.97
CA LYS A 65 23.90 -4.55 -14.00
C LYS A 65 23.29 -3.24 -14.51
N ARG A 66 21.96 -3.12 -14.40
N ARG A 66 21.97 -3.08 -14.38
CA ARG A 66 21.23 -1.97 -14.94
CA ARG A 66 21.29 -1.94 -14.94
C ARG A 66 20.65 -1.10 -13.84
C ARG A 66 20.61 -1.16 -13.83
N VAL A 67 21.13 -1.30 -12.60
CA VAL A 67 20.49 -0.76 -11.40
C VAL A 67 20.44 0.77 -11.46
N ASN A 68 21.28 1.37 -12.31
CA ASN A 68 21.34 2.83 -12.46
C ASN A 68 20.33 3.52 -13.38
N THR A 69 19.54 2.77 -14.14
CA THR A 69 18.50 3.34 -14.99
C THR A 69 17.12 3.22 -14.30
N PRO A 70 16.13 4.01 -14.74
CA PRO A 70 14.78 3.97 -14.18
C PRO A 70 14.11 2.64 -14.48
N PHE A 71 13.28 2.19 -13.57
CA PHE A 71 12.56 0.93 -13.71
C PHE A 71 11.06 1.21 -13.85
N MET A 72 10.36 0.32 -14.55
CA MET A 72 8.93 0.36 -14.58
C MET A 72 8.43 -1.04 -14.60
N PHE A 73 7.44 -1.27 -13.76
CA PHE A 73 6.84 -2.59 -13.62
C PHE A 73 5.35 -2.48 -13.90
N ALA A 74 4.75 -3.58 -14.38
CA ALA A 74 3.31 -3.71 -14.50
C ALA A 74 2.94 -4.84 -13.55
N LEU A 75 1.82 -4.72 -12.89
CA LEU A 75 1.37 -5.71 -11.96
C LEU A 75 0.69 -6.87 -12.66
N LYS A 76 0.90 -8.07 -12.10
CA LYS A 76 0.15 -9.25 -12.46
C LYS A 76 -0.69 -9.57 -11.23
N MET A 77 -1.96 -9.23 -11.34
CA MET A 77 -2.88 -9.45 -10.21
C MET A 77 -3.26 -10.93 -10.16
N PRO A 78 -3.24 -11.52 -8.95
CA PRO A 78 -3.79 -12.87 -8.85
C PRO A 78 -5.32 -12.86 -9.12
N GLY A 79 -5.83 -14.01 -9.55
CA GLY A 79 -7.27 -14.16 -9.85
C GLY A 79 -7.59 -13.52 -11.19
N SER A 80 -8.88 -13.38 -11.48
CA SER A 80 -9.35 -12.69 -12.69
C SER A 80 -9.67 -11.22 -12.38
N THR A 81 -8.76 -10.30 -12.77
CA THR A 81 -8.89 -8.87 -12.42
C THR A 81 -8.41 -7.95 -13.55
N ALA A 82 -9.30 -7.61 -14.47
CA ALA A 82 -8.99 -6.63 -15.52
C ALA A 82 -8.63 -5.24 -14.97
N LEU A 83 -8.86 -5.05 -13.66
CA LEU A 83 -8.82 -3.73 -13.00
C LEU A 83 -7.41 -3.23 -12.65
N ALA A 84 -6.67 -4.02 -11.89
CA ALA A 84 -5.27 -3.70 -11.56
C ALA A 84 -4.26 -4.45 -12.44
N GLU A 85 -4.73 -5.42 -13.23
CA GLU A 85 -3.84 -6.11 -14.20
C GLU A 85 -3.20 -5.07 -15.12
N GLY A 86 -1.89 -5.07 -15.16
CA GLY A 86 -1.16 -4.10 -15.96
C GLY A 86 -1.09 -2.70 -15.36
N LEU A 87 -1.45 -2.51 -14.08
CA LEU A 87 -1.25 -1.18 -13.43
C LEU A 87 0.26 -0.95 -13.48
N GLU A 88 0.67 0.25 -13.88
CA GLU A 88 2.09 0.55 -14.05
C GLU A 88 2.65 1.37 -12.88
N ILE A 89 3.85 0.99 -12.46
CA ILE A 89 4.59 1.64 -11.38
C ILE A 89 5.97 1.99 -11.89
N LYS A 90 6.27 3.28 -11.92
CA LYS A 90 7.56 3.79 -12.35
C LYS A 90 8.33 4.17 -11.12
N GLY A 91 9.60 3.88 -11.13
CA GLY A 91 10.46 4.29 -10.05
C GLY A 91 11.93 4.00 -10.26
N GLN A 92 12.62 3.72 -9.17
CA GLN A 92 14.03 3.55 -9.16
C GLN A 92 14.37 2.30 -8.36
N MET A 93 15.42 1.64 -8.79
CA MET A 93 15.99 0.47 -8.12
C MET A 93 17.34 0.85 -7.49
N VAL A 94 17.55 0.35 -6.28
CA VAL A 94 18.76 0.59 -5.49
C VAL A 94 19.21 -0.76 -4.95
N PHE A 95 20.52 -0.99 -4.98
CA PHE A 95 21.14 -2.19 -4.47
C PHE A 95 21.80 -1.92 -3.15
N ALA A 96 21.50 -2.73 -2.15
CA ALA A 96 22.11 -2.59 -0.83
C ALA A 96 23.09 -3.72 -0.69
N ALA A 97 24.38 -3.41 -0.81
CA ALA A 97 25.43 -4.42 -0.87
C ALA A 97 25.63 -5.18 0.45
N GLU A 98 25.46 -4.49 1.58
CA GLU A 98 25.69 -5.10 2.91
C GLU A 98 24.81 -6.32 3.10
N SER A 99 23.58 -6.23 2.61
CA SER A 99 22.54 -7.24 2.84
C SER A 99 22.15 -8.00 1.56
N ASP A 100 22.81 -7.66 0.43
CA ASP A 100 22.49 -8.20 -0.91
C ASP A 100 21.01 -8.12 -1.19
N SER A 101 20.47 -6.92 -0.97
CA SER A 101 19.09 -6.63 -1.20
C SER A 101 18.86 -5.70 -2.37
N LEU A 102 17.75 -5.89 -3.07
CA LEU A 102 17.27 -4.93 -4.06
C LEU A 102 16.05 -4.20 -3.54
N LEU A 103 16.12 -2.88 -3.56
CA LEU A 103 14.97 -2.01 -3.21
C LEU A 103 14.41 -1.32 -4.44
N PHE A 104 13.10 -1.47 -4.67
CA PHE A 104 12.42 -0.63 -5.66
C PHE A 104 11.54 0.34 -4.92
N VAL A 105 11.61 1.62 -5.32
N VAL A 105 11.62 1.63 -5.29
CA VAL A 105 10.75 2.64 -4.81
CA VAL A 105 10.70 2.63 -4.78
C VAL A 105 10.10 3.33 -6.02
C VAL A 105 10.09 3.38 -5.97
N GLY A 106 8.77 3.47 -5.98
CA GLY A 106 8.07 4.12 -7.11
C GLY A 106 6.74 4.75 -6.75
N SER A 107 5.95 5.03 -7.78
CA SER A 107 4.66 5.69 -7.67
C SER A 107 3.84 5.25 -8.86
N PRO A 108 2.55 5.02 -8.66
CA PRO A 108 1.73 4.60 -9.80
C PRO A 108 1.56 5.59 -10.88
N PHE A 109 1.47 5.05 -12.08
CA PHE A 109 1.46 5.81 -13.29
C PHE A 109 0.07 5.64 -13.94
N LEU A 110 -0.75 6.67 -13.83
CA LEU A 110 -2.16 6.54 -14.10
C LEU A 110 -2.55 6.84 -15.56
N ASP A 111 -1.59 7.13 -16.42
CA ASP A 111 -1.90 7.57 -17.79
C ASP A 111 -2.58 6.56 -18.72
N GLY A 112 -2.59 5.27 -18.36
CA GLY A 112 -3.30 4.24 -19.14
C GLY A 112 -4.43 3.50 -18.41
N LEU A 113 -4.72 3.90 -17.17
CA LEU A 113 -5.75 3.25 -16.34
C LEU A 113 -7.15 3.60 -16.82
N ILE B 1 -9.62 -8.47 -7.82
CA ILE B 1 -9.93 -7.44 -6.76
C ILE B 1 -11.13 -6.64 -7.21
N GLY B 2 -12.00 -6.26 -6.29
CA GLY B 2 -13.11 -5.40 -6.63
C GLY B 2 -12.69 -3.94 -6.63
N VAL B 3 -13.56 -3.11 -7.17
CA VAL B 3 -13.26 -1.72 -7.39
C VAL B 3 -13.04 -0.97 -6.09
N ALA B 4 -13.91 -1.18 -5.09
CA ALA B 4 -13.77 -0.51 -3.78
C ALA B 4 -12.47 -0.90 -3.06
N SER B 5 -12.13 -2.19 -3.07
CA SER B 5 -10.88 -2.65 -2.44
C SER B 5 -9.64 -2.14 -3.14
N PHE B 6 -9.61 -2.21 -4.47
CA PHE B 6 -8.54 -1.60 -5.29
C PHE B 6 -8.27 -0.15 -4.94
N ALA B 7 -9.35 0.61 -4.78
CA ALA B 7 -9.30 2.04 -4.61
C ALA B 7 -8.69 2.44 -3.31
N LYS B 8 -8.82 1.57 -2.32
CA LYS B 8 -8.23 1.82 -1.01
C LYS B 8 -6.69 1.90 -1.04
N ALA B 9 -6.02 1.44 -2.11
CA ALA B 9 -4.59 1.65 -2.25
C ALA B 9 -4.22 3.12 -2.55
N PHE B 10 -5.21 3.97 -2.80
CA PHE B 10 -5.04 5.34 -3.22
C PHE B 10 -5.67 6.31 -2.22
N PRO B 11 -4.85 7.11 -1.52
CA PRO B 11 -5.46 8.10 -0.60
C PRO B 11 -6.30 9.16 -1.28
N TRP B 12 -6.03 9.45 -2.55
CA TRP B 12 -6.82 10.47 -3.25
C TRP B 12 -7.71 9.81 -4.27
N HIS B 13 -8.80 9.20 -3.82
CA HIS B 13 -9.77 8.58 -4.72
C HIS B 13 -11.15 8.89 -4.25
N PHE B 14 -12.14 8.72 -5.12
CA PHE B 14 -13.55 8.68 -4.68
C PHE B 14 -14.33 7.75 -5.58
N ILE B 15 -15.41 7.21 -5.05
CA ILE B 15 -16.30 6.35 -5.84
C ILE B 15 -17.67 6.96 -5.67
N THR B 16 -18.37 7.12 -6.78
CA THR B 16 -19.78 7.52 -6.68
C THR B 16 -20.72 6.49 -7.26
N ASP B 17 -21.99 6.63 -6.92
CA ASP B 17 -23.03 5.83 -7.57
C ASP B 17 -23.53 6.61 -8.79
N LYS B 18 -24.61 6.13 -9.40
CA LYS B 18 -25.08 6.67 -10.67
C LYS B 18 -25.81 8.02 -10.52
N ARG B 19 -25.97 8.50 -9.29
CA ARG B 19 -26.55 9.82 -9.05
C ARG B 19 -25.47 10.78 -8.56
N LEU B 20 -24.22 10.35 -8.71
CA LEU B 20 -23.07 11.07 -8.20
C LEU B 20 -23.06 11.27 -6.68
N GLU B 21 -23.67 10.35 -5.94
CA GLU B 21 -23.54 10.31 -4.48
C GLU B 21 -22.26 9.52 -4.15
N LEU B 22 -21.42 10.08 -3.30
CA LEU B 22 -20.23 9.46 -2.83
C LEU B 22 -20.60 8.22 -1.99
N VAL B 23 -19.99 7.11 -2.35
CA VAL B 23 -20.08 5.85 -1.62
C VAL B 23 -18.73 5.38 -1.00
N GLN B 24 -17.62 6.02 -1.38
CA GLN B 24 -16.33 5.79 -0.70
C GLN B 24 -15.40 6.95 -1.00
N LEU B 25 -14.64 7.34 0.01
CA LEU B 25 -13.58 8.35 -0.14
C LEU B 25 -12.22 7.82 0.35
N GLY B 26 -11.15 8.17 -0.34
CA GLY B 26 -9.82 7.84 0.12
C GLY B 26 -9.44 8.64 1.35
N ALA B 27 -8.38 8.17 2.00
CA ALA B 27 -7.94 8.65 3.31
C ALA B 27 -7.55 10.12 3.25
N GLY B 28 -7.00 10.57 2.13
CA GLY B 28 -6.63 11.97 1.93
C GLY B 28 -7.87 12.85 1.97
N PHE B 29 -8.90 12.50 1.21
CA PHE B 29 -10.16 13.28 1.24
C PHE B 29 -10.84 13.20 2.61
N MET B 30 -10.78 12.02 3.23
CA MET B 30 -11.38 11.86 4.52
C MET B 30 -10.69 12.74 5.54
N ARG B 31 -9.38 12.88 5.45
N ARG B 31 -9.39 12.91 5.45
CA ARG B 31 -8.65 13.81 6.31
CA ARG B 31 -8.73 13.82 6.37
C ARG B 31 -9.19 15.25 6.15
C ARG B 31 -9.15 15.27 6.15
N LEU B 32 -9.44 15.65 4.90
CA LEU B 32 -9.86 17.02 4.65
C LEU B 32 -11.34 17.34 4.94
N PHE B 33 -12.27 16.41 4.68
N PHE B 33 -12.30 16.47 4.67
CA PHE B 33 -13.69 16.71 4.93
CA PHE B 33 -13.69 16.85 5.00
C PHE B 33 -14.54 15.60 5.53
C PHE B 33 -14.61 15.71 5.41
N GLY B 34 -13.89 14.54 5.98
N GLY B 34 -14.00 14.66 5.96
CA GLY B 34 -14.59 13.43 6.63
CA GLY B 34 -14.73 13.54 6.51
C GLY B 34 -15.51 13.92 7.73
C GLY B 34 -15.55 13.93 7.73
N THR B 35 -15.02 14.84 8.54
CA THR B 35 -15.76 15.42 9.68
C THR B 35 -17.08 16.13 9.24
N HIS B 36 -17.23 16.44 7.95
CA HIS B 36 -18.38 17.23 7.51
C HIS B 36 -19.39 16.38 6.79
N LEU B 37 -19.08 15.09 6.57
CA LEU B 37 -19.97 14.26 5.74
C LEU B 37 -21.38 14.08 6.38
N ALA B 38 -21.38 13.94 7.70
CA ALA B 38 -22.61 13.75 8.47
C ALA B 38 -23.64 14.86 8.19
N THR B 39 -23.18 16.12 8.27
CA THR B 39 -24.00 17.31 8.20
C THR B 39 -24.23 17.83 6.76
N HIS B 40 -23.22 17.67 5.90
CA HIS B 40 -23.25 18.30 4.56
C HIS B 40 -23.60 17.31 3.46
N GLY B 41 -23.70 16.05 3.83
CA GLY B 41 -24.16 15.03 2.88
C GLY B 41 -23.08 14.43 1.98
N SER B 42 -23.52 13.71 0.97
CA SER B 42 -22.61 12.93 0.16
C SER B 42 -22.62 13.26 -1.32
N SER B 43 -23.28 14.35 -1.72
CA SER B 43 -23.31 14.70 -3.12
C SER B 43 -21.92 15.14 -3.57
N LEU B 44 -21.46 14.61 -4.72
CA LEU B 44 -20.11 14.96 -5.23
C LEU B 44 -19.87 16.48 -5.35
N GLY B 45 -20.87 17.20 -5.84
CA GLY B 45 -20.74 18.63 -6.09
C GLY B 45 -20.72 19.49 -4.85
N THR B 46 -21.00 18.89 -3.69
CA THR B 46 -20.88 19.60 -2.41
C THR B 46 -19.42 19.87 -2.10
N TYR B 47 -18.54 18.95 -2.51
CA TYR B 47 -17.12 18.98 -2.18
C TYR B 47 -16.16 19.22 -3.34
N PHE B 48 -16.60 19.03 -4.59
CA PHE B 48 -15.71 19.06 -5.75
C PHE B 48 -16.27 19.95 -6.82
N ARG B 49 -15.35 20.71 -7.41
CA ARG B 49 -15.57 21.44 -8.65
C ARG B 49 -14.76 20.79 -9.77
N LEU B 50 -15.40 20.47 -10.89
CA LEU B 50 -14.72 19.87 -12.06
C LEU B 50 -14.08 20.97 -12.87
N LEU B 51 -12.77 20.92 -13.00
CA LEU B 51 -12.01 21.93 -13.75
C LEU B 51 -11.58 21.44 -15.13
N ARG B 52 -11.25 20.15 -15.25
CA ARG B 52 -10.93 19.55 -16.54
C ARG B 52 -11.50 18.15 -16.58
N PRO B 53 -12.04 17.71 -17.73
CA PRO B 53 -12.24 18.42 -19.01
C PRO B 53 -13.13 19.65 -18.89
N ARG B 54 -12.82 20.71 -19.64
CA ARG B 54 -13.58 21.96 -19.54
C ARG B 54 -14.96 21.82 -20.13
N GLY B 55 -15.92 22.56 -19.58
CA GLY B 55 -17.26 22.68 -20.18
C GLY B 55 -18.13 21.44 -19.88
N VAL B 56 -17.62 20.56 -19.03
CA VAL B 56 -18.28 19.31 -18.71
C VAL B 56 -18.92 19.54 -17.34
N PRO B 57 -20.23 19.38 -17.24
CA PRO B 57 -20.88 19.59 -15.95
C PRO B 57 -20.76 18.34 -15.02
N LEU B 58 -21.05 18.53 -13.72
CA LEU B 58 -21.09 17.39 -12.78
C LEU B 58 -22.36 16.59 -12.93
N ASP B 59 -22.31 15.70 -13.91
CA ASP B 59 -23.43 14.92 -14.31
C ASP B 59 -22.85 13.56 -14.70
N PHE B 60 -23.47 12.48 -14.22
CA PHE B 60 -22.95 11.10 -14.37
C PHE B 60 -22.73 10.81 -15.85
N ARG B 61 -23.76 11.02 -16.68
CA ARG B 61 -23.66 10.72 -18.09
C ARG B 61 -22.62 11.59 -18.80
N GLU B 62 -22.62 12.88 -18.54
CA GLU B 62 -21.62 13.75 -19.19
C GLU B 62 -20.17 13.44 -18.81
N ILE B 63 -19.94 13.05 -17.58
CA ILE B 63 -18.63 12.58 -17.16
C ILE B 63 -18.24 11.29 -17.89
N LEU B 64 -19.19 10.36 -17.99
CA LEU B 64 -18.91 9.08 -18.60
C LEU B 64 -18.61 9.18 -20.09
N LYS B 65 -19.17 10.18 -20.74
CA LYS B 65 -18.86 10.40 -22.15
C LYS B 65 -17.41 10.82 -22.35
N ARG B 66 -16.79 11.31 -21.28
CA ARG B 66 -15.42 11.75 -21.32
C ARG B 66 -14.50 10.90 -20.45
N VAL B 67 -14.89 9.66 -20.18
CA VAL B 67 -14.21 8.85 -19.16
C VAL B 67 -12.75 8.53 -19.49
N ASN B 68 -12.39 8.59 -20.77
CA ASN B 68 -11.01 8.31 -21.18
C ASN B 68 -10.09 9.53 -21.23
N THR B 69 -10.57 10.71 -20.82
CA THR B 69 -9.72 11.91 -20.84
C THR B 69 -9.26 12.17 -19.41
N PRO B 70 -8.16 12.89 -19.24
CA PRO B 70 -7.79 13.08 -17.83
C PRO B 70 -8.71 14.07 -17.13
N PHE B 71 -8.89 13.86 -15.82
CA PHE B 71 -9.72 14.71 -14.99
C PHE B 71 -8.90 15.53 -14.02
N MET B 72 -9.37 16.76 -13.78
CA MET B 72 -8.90 17.58 -12.69
C MET B 72 -10.04 18.24 -11.93
N PHE B 73 -9.96 18.18 -10.60
CA PHE B 73 -10.95 18.74 -9.70
C PHE B 73 -10.29 19.73 -8.78
N ALA B 74 -11.07 20.71 -8.35
CA ALA B 74 -10.73 21.55 -7.23
C ALA B 74 -11.64 21.21 -6.04
N LEU B 75 -11.12 21.31 -4.82
CA LEU B 75 -11.88 21.00 -3.63
C LEU B 75 -12.70 22.21 -3.18
N LYS B 76 -13.88 21.96 -2.65
CA LYS B 76 -14.65 22.98 -1.99
C LYS B 76 -14.75 22.64 -0.53
N MET B 77 -13.96 23.34 0.25
CA MET B 77 -13.87 23.08 1.68
C MET B 77 -15.08 23.65 2.39
N PRO B 78 -15.74 22.83 3.20
CA PRO B 78 -16.84 23.38 3.97
C PRO B 78 -16.36 24.54 4.85
N GLY B 79 -17.22 25.52 5.06
CA GLY B 79 -16.83 26.72 5.77
C GLY B 79 -16.00 27.65 4.90
N SER B 80 -15.80 27.27 3.64
CA SER B 80 -15.13 28.10 2.64
C SER B 80 -13.78 28.75 3.10
N THR B 81 -12.86 27.92 3.62
CA THR B 81 -11.54 28.40 4.11
C THR B 81 -10.65 28.92 2.96
N ALA B 82 -10.06 30.11 3.14
CA ALA B 82 -9.24 30.73 2.09
C ALA B 82 -8.03 29.87 1.66
N LEU B 83 -7.17 29.52 2.63
CA LEU B 83 -5.99 28.69 2.34
C LEU B 83 -6.30 27.17 2.32
N ALA B 84 -7.59 26.80 2.33
CA ALA B 84 -7.99 25.41 2.15
C ALA B 84 -8.83 25.15 0.87
N GLU B 85 -9.58 26.17 0.41
CA GLU B 85 -10.38 26.06 -0.84
C GLU B 85 -9.56 26.31 -2.12
N GLY B 86 -9.44 25.28 -2.95
CA GLY B 86 -8.65 25.38 -4.15
C GLY B 86 -7.73 24.20 -4.41
N LEU B 87 -7.44 23.34 -3.42
CA LEU B 87 -6.54 22.17 -3.67
C LEU B 87 -6.95 21.47 -4.95
N GLU B 88 -6.03 21.38 -5.91
CA GLU B 88 -6.31 20.69 -7.15
C GLU B 88 -5.83 19.26 -7.09
N ILE B 89 -6.66 18.35 -7.59
CA ILE B 89 -6.32 16.93 -7.68
C ILE B 89 -6.51 16.46 -9.16
N LYS B 90 -5.43 15.95 -9.75
CA LYS B 90 -5.45 15.46 -11.12
C LYS B 90 -5.46 13.94 -11.10
N GLY B 91 -6.17 13.36 -12.05
CA GLY B 91 -6.26 11.91 -12.10
C GLY B 91 -7.06 11.35 -13.26
N GLN B 92 -7.60 10.15 -13.06
CA GLN B 92 -8.28 9.40 -14.10
C GLN B 92 -9.62 8.96 -13.53
N MET B 93 -10.60 8.91 -14.42
CA MET B 93 -11.93 8.43 -14.14
C MET B 93 -12.01 7.02 -14.80
N VAL B 94 -12.60 6.09 -14.07
CA VAL B 94 -12.86 4.73 -14.52
C VAL B 94 -14.32 4.43 -14.26
N PHE B 95 -14.97 3.77 -15.23
CA PHE B 95 -16.34 3.37 -15.05
C PHE B 95 -16.43 1.87 -14.79
N ALA B 96 -17.07 1.48 -13.71
CA ALA B 96 -17.32 0.02 -13.42
C ALA B 96 -18.75 -0.31 -13.78
N ALA B 97 -18.95 -0.90 -14.97
CA ALA B 97 -20.28 -1.04 -15.53
C ALA B 97 -21.10 -2.02 -14.75
N GLU B 98 -20.45 -3.04 -14.18
CA GLU B 98 -21.14 -4.07 -13.40
C GLU B 98 -21.91 -3.50 -12.20
N SER B 99 -21.38 -2.47 -11.57
CA SER B 99 -22.06 -1.89 -10.41
C SER B 99 -22.50 -0.45 -10.67
N ASP B 100 -22.34 0.04 -11.91
CA ASP B 100 -22.60 1.41 -12.25
C ASP B 100 -21.89 2.38 -11.34
N SER B 101 -20.61 2.13 -11.08
CA SER B 101 -19.82 2.99 -10.19
C SER B 101 -18.86 3.84 -11.00
N LEU B 102 -18.68 5.09 -10.57
CA LEU B 102 -17.60 5.93 -11.09
C LEU B 102 -16.49 5.95 -10.06
N LEU B 103 -15.27 5.65 -10.50
CA LEU B 103 -14.09 5.74 -9.66
C LEU B 103 -13.17 6.82 -10.19
N PHE B 104 -12.78 7.76 -9.35
CA PHE B 104 -11.73 8.69 -9.68
C PHE B 104 -10.51 8.29 -8.84
N VAL B 105 -9.35 8.19 -9.50
CA VAL B 105 -8.07 7.99 -8.80
C VAL B 105 -7.09 9.08 -9.21
N GLY B 106 -6.49 9.73 -8.22
CA GLY B 106 -5.64 10.87 -8.54
C GLY B 106 -4.59 11.20 -7.50
N SER B 107 -4.02 12.39 -7.68
CA SER B 107 -2.93 12.83 -6.82
C SER B 107 -2.97 14.33 -6.75
N PRO B 108 -2.65 14.92 -5.58
CA PRO B 108 -2.58 16.40 -5.47
C PRO B 108 -1.63 17.02 -6.43
N PHE B 109 -2.09 18.12 -7.00
CA PHE B 109 -1.34 18.89 -7.96
C PHE B 109 -1.02 20.18 -7.24
N LEU B 110 0.22 20.29 -6.77
CA LEU B 110 0.63 21.36 -5.86
C LEU B 110 1.03 22.63 -6.64
N ASP B 111 0.62 23.79 -6.10
CA ASP B 111 0.64 25.11 -6.79
C ASP B 111 -0.04 26.19 -5.92
N GLY B 112 0.14 27.47 -6.29
CA GLY B 112 -0.47 28.59 -5.59
C GLY B 112 -0.26 28.52 -4.09
N ILE C 1 -13.22 -13.18 -4.76
CA ILE C 1 -12.42 -13.28 -3.50
C ILE C 1 -11.37 -14.38 -3.69
N GLY C 2 -10.15 -14.14 -3.22
CA GLY C 2 -9.09 -15.14 -3.29
C GLY C 2 -9.28 -16.23 -2.24
N VAL C 3 -8.65 -17.37 -2.44
CA VAL C 3 -8.78 -18.52 -1.53
C VAL C 3 -8.36 -18.20 -0.09
N ALA C 4 -7.24 -17.51 0.08
CA ALA C 4 -6.74 -17.19 1.44
C ALA C 4 -7.68 -16.23 2.17
N SER C 5 -8.25 -15.26 1.44
CA SER C 5 -9.17 -14.29 2.08
C SER C 5 -10.48 -14.94 2.43
N PHE C 6 -11.00 -15.78 1.53
CA PHE C 6 -12.21 -16.57 1.81
C PHE C 6 -12.08 -17.39 3.08
N ALA C 7 -10.95 -18.12 3.19
CA ALA C 7 -10.65 -19.01 4.28
C ALA C 7 -10.71 -18.32 5.63
N LYS C 8 -10.34 -17.06 5.67
CA LYS C 8 -10.35 -16.32 6.93
C LYS C 8 -11.77 -16.14 7.54
N ALA C 9 -12.85 -16.38 6.78
CA ALA C 9 -14.19 -16.45 7.39
C ALA C 9 -14.41 -17.67 8.29
N PHE C 10 -13.44 -18.57 8.34
CA PHE C 10 -13.61 -19.89 8.95
C PHE C 10 -12.50 -20.10 10.00
N PRO C 11 -12.86 -20.12 11.29
CA PRO C 11 -11.80 -20.31 12.32
C PRO C 11 -11.14 -21.67 12.23
N TRP C 12 -11.81 -22.67 11.71
CA TRP C 12 -11.17 -23.98 11.61
C TRP C 12 -10.86 -24.25 10.15
N HIS C 13 -9.79 -23.66 9.67
CA HIS C 13 -9.33 -23.95 8.32
C HIS C 13 -7.83 -24.11 8.34
N PHE C 14 -7.28 -24.70 7.27
CA PHE C 14 -5.85 -24.61 6.97
C PHE C 14 -5.63 -24.53 5.48
N ILE C 15 -4.51 -23.97 5.02
CA ILE C 15 -4.12 -24.00 3.65
C ILE C 15 -2.73 -24.56 3.62
N THR C 16 -2.46 -25.48 2.70
CA THR C 16 -1.11 -25.94 2.49
C THR C 16 -0.69 -25.70 1.06
N ASP C 17 0.63 -25.69 0.88
CA ASP C 17 1.20 -25.78 -0.45
C ASP C 17 1.22 -27.26 -0.92
N LYS C 18 1.83 -27.49 -2.07
CA LYS C 18 1.83 -28.81 -2.68
C LYS C 18 2.73 -29.84 -2.00
N ARG C 19 3.57 -29.41 -1.07
CA ARG C 19 4.33 -30.32 -0.22
C ARG C 19 3.68 -30.49 1.15
N LEU C 20 2.45 -30.02 1.29
CA LEU C 20 1.70 -30.12 2.55
C LEU C 20 2.33 -29.34 3.69
N GLU C 21 3.07 -28.29 3.33
CA GLU C 21 3.50 -27.34 4.29
C GLU C 21 2.38 -26.31 4.50
N LEU C 22 2.07 -26.06 5.77
CA LEU C 22 1.06 -25.06 6.15
C LEU C 22 1.51 -23.64 5.78
N VAL C 23 0.66 -22.91 5.03
CA VAL C 23 0.87 -21.51 4.67
C VAL C 23 -0.18 -20.56 5.30
N GLN C 24 -1.27 -21.11 5.86
CA GLN C 24 -2.23 -20.30 6.63
C GLN C 24 -3.02 -21.19 7.54
N LEU C 25 -3.35 -20.67 8.72
CA LEU C 25 -4.16 -21.39 9.71
C LEU C 25 -5.27 -20.50 10.22
N GLY C 26 -6.46 -21.06 10.40
CA GLY C 26 -7.55 -20.32 10.96
C GLY C 26 -7.35 -20.06 12.44
N ALA C 27 -8.13 -19.14 12.95
CA ALA C 27 -8.03 -18.64 14.33
C ALA C 27 -8.12 -19.74 15.37
N GLY C 28 -8.93 -20.76 15.10
CA GLY C 28 -9.14 -21.84 16.11
C GLY C 28 -7.88 -22.66 16.21
N PHE C 29 -7.30 -23.04 15.08
CA PHE C 29 -6.05 -23.74 15.13
C PHE C 29 -4.90 -22.84 15.67
N MET C 30 -4.85 -21.57 15.30
CA MET C 30 -3.79 -20.69 15.82
C MET C 30 -3.81 -20.63 17.31
N ARG C 31 -5.00 -20.59 17.90
N ARG C 31 -5.02 -20.58 17.87
CA ARG C 31 -5.11 -20.57 19.35
CA ARG C 31 -5.19 -20.61 19.31
C ARG C 31 -4.67 -21.88 19.99
C ARG C 31 -4.65 -21.87 19.94
N LEU C 32 -4.97 -23.00 19.36
CA LEU C 32 -4.57 -24.28 19.94
C LEU C 32 -3.06 -24.57 19.81
N PHE C 33 -2.44 -24.24 18.68
CA PHE C 33 -1.04 -24.66 18.46
C PHE C 33 -0.17 -23.68 17.68
N GLY C 34 -0.68 -22.46 17.49
CA GLY C 34 0.05 -21.41 16.77
C GLY C 34 1.41 -21.07 17.38
N THR C 35 1.48 -21.13 18.70
CA THR C 35 2.73 -20.85 19.44
C THR C 35 3.87 -21.81 19.07
N HIS C 36 3.51 -23.02 18.63
CA HIS C 36 4.47 -24.07 18.32
C HIS C 36 5.01 -24.02 16.94
N LEU C 37 4.48 -23.18 16.05
CA LEU C 37 4.92 -23.21 14.69
C LEU C 37 6.41 -22.86 14.58
N ALA C 38 6.82 -21.90 15.41
CA ALA C 38 8.21 -21.44 15.44
C ALA C 38 9.17 -22.62 15.70
N THR C 39 8.84 -23.44 16.69
CA THR C 39 9.76 -24.47 17.18
C THR C 39 9.56 -25.81 16.46
N HIS C 40 8.31 -26.13 16.15
CA HIS C 40 7.92 -27.45 15.62
C HIS C 40 7.73 -27.45 14.12
N GLY C 41 7.73 -26.28 13.50
CA GLY C 41 7.65 -26.16 12.04
C GLY C 41 6.25 -26.12 11.48
N SER C 42 6.13 -26.29 10.15
CA SER C 42 4.87 -26.11 9.47
C SER C 42 4.31 -27.32 8.74
N SER C 43 4.90 -28.50 8.91
CA SER C 43 4.42 -29.67 8.17
C SER C 43 3.03 -30.06 8.68
N LEU C 44 2.10 -30.29 7.76
CA LEU C 44 0.75 -30.65 8.18
C LEU C 44 0.74 -31.85 9.12
N GLY C 45 1.58 -32.84 8.84
CA GLY C 45 1.60 -34.11 9.60
C GLY C 45 2.10 -33.93 11.02
N THR C 46 2.76 -32.81 11.30
CA THR C 46 3.19 -32.50 12.66
C THR C 46 1.99 -32.28 13.58
N TYR C 47 0.89 -31.79 13.05
CA TYR C 47 -0.25 -31.27 13.86
C TYR C 47 -1.53 -32.03 13.57
N PHE C 48 -1.57 -32.73 12.44
CA PHE C 48 -2.84 -33.40 12.03
C PHE C 48 -2.69 -34.87 11.73
N ARG C 49 -3.66 -35.67 12.18
CA ARG C 49 -3.80 -37.04 11.70
C ARG C 49 -5.03 -37.16 10.83
N LEU C 50 -4.88 -37.74 9.65
CA LEU C 50 -6.03 -37.99 8.75
C LEU C 50 -6.81 -39.20 9.27
N LEU C 51 -8.09 -38.97 9.59
CA LEU C 51 -8.99 -40.03 10.04
C LEU C 51 -9.96 -40.46 8.95
N ARG C 52 -10.42 -39.52 8.11
CA ARG C 52 -11.31 -39.84 6.98
C ARG C 52 -10.84 -39.01 5.80
N PRO C 53 -10.74 -39.61 4.61
CA PRO C 53 -10.97 -41.02 4.30
C PRO C 53 -9.99 -41.96 5.03
N ARG C 54 -10.46 -43.14 5.38
CA ARG C 54 -9.69 -44.03 6.21
C ARG C 54 -8.58 -44.73 5.43
N GLY C 55 -7.40 -44.70 6.01
CA GLY C 55 -6.29 -45.51 5.54
C GLY C 55 -5.64 -44.95 4.29
N VAL C 56 -5.79 -43.64 4.11
CA VAL C 56 -5.19 -42.89 3.00
C VAL C 56 -4.02 -42.14 3.64
N PRO C 57 -2.82 -42.20 3.03
CA PRO C 57 -1.72 -41.53 3.71
C PRO C 57 -1.81 -40.01 3.56
N LEU C 58 -1.16 -39.28 4.48
CA LEU C 58 -1.12 -37.82 4.42
C LEU C 58 -0.08 -37.44 3.37
N ASP C 59 -0.51 -37.50 2.12
CA ASP C 59 0.37 -37.27 0.98
C ASP C 59 -0.43 -36.48 -0.06
N PHE C 60 0.23 -35.52 -0.70
CA PHE C 60 -0.45 -34.56 -1.57
C PHE C 60 -1.29 -35.22 -2.66
N ARG C 61 -0.68 -36.07 -3.49
CA ARG C 61 -1.40 -36.73 -4.58
C ARG C 61 -2.56 -37.60 -4.09
N GLU C 62 -2.39 -38.29 -2.96
CA GLU C 62 -3.46 -39.15 -2.42
C GLU C 62 -4.66 -38.33 -1.94
N ILE C 63 -4.38 -37.19 -1.33
CA ILE C 63 -5.42 -36.27 -0.92
C ILE C 63 -6.11 -35.68 -2.15
N LEU C 64 -5.32 -35.28 -3.16
CA LEU C 64 -5.88 -34.63 -4.33
C LEU C 64 -6.90 -35.54 -5.01
N LYS C 65 -6.60 -36.84 -5.07
CA LYS C 65 -7.47 -37.83 -5.76
C LYS C 65 -8.83 -37.96 -5.12
N ARG C 66 -8.91 -37.64 -3.83
CA ARG C 66 -10.12 -37.81 -3.03
C ARG C 66 -10.66 -36.49 -2.56
N VAL C 67 -10.30 -35.43 -3.27
CA VAL C 67 -10.68 -34.11 -2.85
C VAL C 67 -12.20 -33.91 -2.86
N ASN C 68 -12.92 -34.77 -3.58
CA ASN C 68 -14.40 -34.74 -3.64
C ASN C 68 -15.14 -35.42 -2.49
N THR C 69 -14.41 -36.11 -1.62
CA THR C 69 -15.00 -36.80 -0.49
C THR C 69 -14.77 -35.98 0.81
N PRO C 70 -15.64 -36.15 1.80
CA PRO C 70 -15.46 -35.42 3.06
C PRO C 70 -14.17 -35.83 3.80
N PHE C 71 -13.57 -34.90 4.54
CA PHE C 71 -12.35 -35.17 5.29
C PHE C 71 -12.62 -35.03 6.81
N MET C 72 -11.83 -35.72 7.61
CA MET C 72 -11.88 -35.56 9.07
C MET C 72 -10.47 -35.76 9.57
N PHE C 73 -10.01 -34.84 10.42
CA PHE C 73 -8.66 -34.86 11.00
C PHE C 73 -8.79 -34.89 12.50
N ALA C 74 -7.80 -35.48 13.15
CA ALA C 74 -7.60 -35.38 14.58
C ALA C 74 -6.37 -34.54 14.79
N LEU C 75 -6.39 -33.69 15.82
CA LEU C 75 -5.23 -32.91 16.21
C LEU C 75 -4.20 -33.75 16.94
N LYS C 76 -2.94 -33.45 16.67
CA LYS C 76 -1.80 -33.98 17.38
C LYS C 76 -1.21 -32.80 18.10
N MET C 77 -1.41 -32.72 19.39
CA MET C 77 -0.97 -31.53 20.10
C MET C 77 0.49 -31.67 20.47
N PRO C 78 1.32 -30.65 20.17
CA PRO C 78 2.72 -30.79 20.57
C PRO C 78 2.92 -30.78 22.11
N GLY C 79 4.12 -31.17 22.53
CA GLY C 79 4.35 -31.54 23.92
C GLY C 79 3.46 -32.72 24.19
N SER C 80 2.40 -32.49 24.97
CA SER C 80 1.41 -33.50 25.29
C SER C 80 0.33 -32.88 26.18
N THR C 81 -0.91 -32.89 25.71
CA THR C 81 -2.05 -32.43 26.52
C THR C 81 -3.28 -33.30 26.27
N ALA C 82 -3.71 -34.02 27.31
CA ALA C 82 -4.90 -34.90 27.25
C ALA C 82 -6.09 -34.29 26.49
N LEU C 83 -6.27 -32.96 26.60
CA LEU C 83 -7.52 -32.29 26.20
C LEU C 83 -7.67 -32.05 24.68
N ALA C 84 -6.72 -31.33 24.08
CA ALA C 84 -6.80 -31.01 22.65
C ALA C 84 -6.25 -32.15 21.79
N GLU C 85 -5.47 -33.05 22.41
CA GLU C 85 -5.00 -34.27 21.72
C GLU C 85 -6.18 -35.08 21.21
N GLY C 86 -6.20 -35.35 19.91
CA GLY C 86 -7.29 -36.11 19.31
C GLY C 86 -8.60 -35.37 19.04
N LEU C 87 -8.71 -34.07 19.35
CA LEU C 87 -9.92 -33.28 18.93
C LEU C 87 -10.16 -33.54 17.46
N GLU C 88 -11.40 -33.81 17.05
CA GLU C 88 -11.71 -34.10 15.65
C GLU C 88 -12.31 -32.91 14.94
N ILE C 89 -11.93 -32.69 13.67
CA ILE C 89 -12.45 -31.59 12.86
C ILE C 89 -12.95 -32.17 11.55
N LYS C 90 -14.24 -31.99 11.25
CA LYS C 90 -14.83 -32.55 10.04
C LYS C 90 -15.00 -31.43 9.05
N GLY C 91 -14.81 -31.72 7.77
CA GLY C 91 -14.98 -30.71 6.76
C GLY C 91 -14.71 -31.17 5.36
N GLN C 92 -14.26 -30.23 4.56
CA GLN C 92 -14.15 -30.40 3.13
C GLN C 92 -12.82 -29.91 2.70
N MET C 93 -12.24 -30.62 1.72
CA MET C 93 -10.93 -30.28 1.14
C MET C 93 -11.20 -29.74 -0.26
N VAL C 94 -10.53 -28.65 -0.61
CA VAL C 94 -10.67 -27.99 -1.92
C VAL C 94 -9.26 -27.80 -2.48
N PHE C 95 -9.06 -28.09 -3.76
CA PHE C 95 -7.81 -27.80 -4.42
C PHE C 95 -7.92 -26.56 -5.30
N ALA C 96 -7.00 -25.60 -5.12
CA ALA C 96 -6.98 -24.39 -5.93
C ALA C 96 -5.84 -24.53 -6.95
N ALA C 97 -6.19 -24.88 -8.20
CA ALA C 97 -5.22 -25.16 -9.24
C ALA C 97 -4.30 -23.98 -9.59
N GLU C 98 -4.85 -22.78 -9.56
CA GLU C 98 -4.09 -21.56 -9.93
C GLU C 98 -2.82 -21.37 -9.10
N SER C 99 -2.91 -21.66 -7.81
CA SER C 99 -1.80 -21.50 -6.87
C SER C 99 -1.26 -22.83 -6.34
N ASP C 100 -1.83 -23.96 -6.78
CA ASP C 100 -1.53 -25.34 -6.28
C ASP C 100 -1.63 -25.41 -4.77
N SER C 101 -2.76 -24.91 -4.24
CA SER C 101 -3.02 -24.83 -2.81
C SER C 101 -4.09 -25.85 -2.43
N LEU C 102 -3.94 -26.49 -1.28
CA LEU C 102 -5.02 -27.31 -0.68
C LEU C 102 -5.65 -26.51 0.46
N LEU C 103 -6.96 -26.37 0.43
CA LEU C 103 -7.68 -25.68 1.51
C LEU C 103 -8.58 -26.69 2.17
N PHE C 104 -8.48 -26.78 3.50
CA PHE C 104 -9.45 -27.50 4.32
C PHE C 104 -10.28 -26.51 5.12
N VAL C 105 -11.59 -26.62 5.06
CA VAL C 105 -12.47 -25.81 5.92
CA VAL C 105 -12.47 -25.81 5.91
C VAL C 105 -13.39 -26.78 6.66
N GLY C 106 -13.48 -26.63 7.99
CA GLY C 106 -14.21 -27.64 8.78
C GLY C 106 -14.81 -27.02 10.00
N SER C 107 -15.29 -27.88 10.87
CA SER C 107 -15.82 -27.47 12.15
C SER C 107 -15.56 -28.57 13.16
N PRO C 108 -15.31 -28.21 14.44
CA PRO C 108 -15.11 -29.28 15.40
C PRO C 108 -16.29 -30.18 15.58
N PHE C 109 -15.94 -31.45 15.72
CA PHE C 109 -16.86 -32.53 15.93
C PHE C 109 -16.66 -32.98 17.37
N LEU C 110 -17.58 -32.62 18.25
CA LEU C 110 -17.35 -32.77 19.71
C LEU C 110 -17.73 -34.15 20.29
N ASP C 111 -18.28 -35.05 19.49
CA ASP C 111 -18.59 -36.41 20.01
C ASP C 111 -17.32 -37.14 20.47
N GLY C 112 -16.18 -36.81 19.85
CA GLY C 112 -14.87 -37.36 20.24
C GLY C 112 -14.20 -36.63 21.40
N LEU C 113 -14.94 -36.44 22.49
CA LEU C 113 -14.43 -35.87 23.74
C LEU C 113 -15.03 -36.64 24.92
N ILE D 1 -11.18 24.44 8.11
CA ILE D 1 -10.11 23.48 8.49
C ILE D 1 -8.85 24.22 8.88
N GLY D 2 -8.24 23.80 9.98
CA GLY D 2 -6.98 24.41 10.40
C GLY D 2 -5.79 23.95 9.57
N VAL D 3 -4.68 24.69 9.63
CA VAL D 3 -3.50 24.35 8.81
C VAL D 3 -2.87 23.03 9.23
N ALA D 4 -2.81 22.74 10.54
CA ALA D 4 -2.23 21.47 11.06
C ALA D 4 -3.08 20.28 10.64
N SER D 5 -4.40 20.44 10.67
CA SER D 5 -5.29 19.36 10.25
C SER D 5 -5.19 19.09 8.78
N PHE D 6 -5.21 20.17 8.00
CA PHE D 6 -5.06 20.08 6.54
C PHE D 6 -3.75 19.37 6.17
N ALA D 7 -2.64 19.74 6.83
CA ALA D 7 -1.34 19.16 6.54
C ALA D 7 -1.27 17.65 6.75
N LYS D 8 -2.05 17.14 7.69
CA LYS D 8 -2.04 15.68 7.94
C LYS D 8 -2.52 14.83 6.76
N ALA D 9 -3.17 15.44 5.77
CA ALA D 9 -3.49 14.71 4.53
C ALA D 9 -2.25 14.36 3.66
N PHE D 10 -1.08 14.93 4.00
CA PHE D 10 0.12 14.79 3.21
C PHE D 10 1.26 14.16 4.01
N PRO D 11 1.75 13.01 3.57
CA PRO D 11 2.84 12.37 4.35
C PRO D 11 4.14 13.16 4.33
N TRP D 12 4.36 13.95 3.27
CA TRP D 12 5.59 14.73 3.12
C TRP D 12 5.30 16.21 3.32
N HIS D 13 5.13 16.58 4.57
CA HIS D 13 4.89 17.97 4.97
C HIS D 13 5.65 18.27 6.21
N PHE D 14 5.91 19.55 6.44
CA PHE D 14 6.33 20.03 7.75
C PHE D 14 5.69 21.36 8.04
N ILE D 15 5.55 21.66 9.33
CA ILE D 15 5.14 23.01 9.71
C ILE D 15 6.18 23.52 10.69
N THR D 16 6.62 24.77 10.53
CA THR D 16 7.47 25.38 11.53
C THR D 16 6.80 26.62 12.16
N ASP D 17 7.33 27.06 13.30
CA ASP D 17 6.94 28.34 13.85
C ASP D 17 7.81 29.43 13.21
N LYS D 18 7.74 30.62 13.76
CA LYS D 18 8.43 31.76 13.13
C LYS D 18 9.92 31.78 13.43
N ARG D 19 10.41 30.90 14.29
CA ARG D 19 11.86 30.70 14.46
C ARG D 19 12.36 29.47 13.71
N LEU D 20 11.51 28.91 12.85
CA LEU D 20 11.84 27.70 12.08
C LEU D 20 12.12 26.47 12.96
N GLU D 21 11.40 26.36 14.06
CA GLU D 21 11.35 25.13 14.85
C GLU D 21 10.15 24.36 14.37
N LEU D 22 10.36 23.07 14.11
CA LEU D 22 9.34 22.19 13.61
C LEU D 22 8.28 22.06 14.68
N VAL D 23 7.02 22.19 14.29
CA VAL D 23 5.91 21.95 15.23
C VAL D 23 5.07 20.75 14.79
N GLN D 24 5.28 20.29 13.56
CA GLN D 24 4.53 19.14 13.03
C GLN D 24 5.28 18.60 11.84
N LEU D 25 5.27 17.29 11.71
CA LEU D 25 5.92 16.60 10.56
C LEU D 25 5.00 15.50 10.05
N GLY D 26 4.94 15.35 8.73
CA GLY D 26 4.13 14.33 8.13
C GLY D 26 4.73 12.97 8.39
N ALA D 27 3.89 11.95 8.17
CA ALA D 27 4.21 10.56 8.43
C ALA D 27 5.45 10.07 7.67
N GLY D 28 5.64 10.53 6.43
CA GLY D 28 6.87 10.18 5.65
C GLY D 28 8.17 10.64 6.33
N PHE D 29 8.18 11.89 6.76
CA PHE D 29 9.33 12.40 7.48
C PHE D 29 9.50 11.77 8.88
N MET D 30 8.41 11.56 9.59
CA MET D 30 8.46 10.83 10.86
C MET D 30 9.06 9.42 10.74
N ARG D 31 8.70 8.69 9.68
CA ARG D 31 9.36 7.43 9.35
C ARG D 31 10.87 7.54 9.18
N LEU D 32 11.31 8.62 8.56
CA LEU D 32 12.70 8.73 8.22
C LEU D 32 13.59 9.24 9.38
N PHE D 33 13.08 10.13 10.23
CA PHE D 33 13.92 10.69 11.31
C PHE D 33 13.13 11.07 12.58
N GLY D 34 11.89 10.58 12.70
CA GLY D 34 11.08 10.82 13.88
C GLY D 34 11.78 10.32 15.13
N THR D 35 12.44 9.18 15.00
CA THR D 35 13.16 8.58 16.13
C THR D 35 14.33 9.43 16.69
N HIS D 36 14.66 10.53 16.01
CA HIS D 36 15.78 11.40 16.40
C HIS D 36 15.36 12.73 16.93
N LEU D 37 14.07 13.06 16.87
CA LEU D 37 13.63 14.39 17.26
C LEU D 37 13.95 14.68 18.75
N ALA D 38 13.84 13.64 19.57
CA ALA D 38 14.15 13.74 20.99
C ALA D 38 15.58 14.18 21.27
N THR D 39 16.55 13.55 20.60
CA THR D 39 17.96 13.77 20.85
C THR D 39 18.52 14.95 20.03
N HIS D 40 18.08 15.04 18.79
CA HIS D 40 18.62 15.98 17.80
C HIS D 40 17.87 17.30 17.72
N GLY D 41 16.72 17.42 18.37
CA GLY D 41 15.96 18.68 18.42
C GLY D 41 15.01 18.91 17.26
N SER D 42 14.49 20.15 17.20
CA SER D 42 13.41 20.51 16.28
C SER D 42 13.77 21.58 15.24
N SER D 43 15.02 22.02 15.17
CA SER D 43 15.40 23.04 14.22
C SER D 43 15.29 22.48 12.81
N LEU D 44 14.62 23.22 11.92
CA LEU D 44 14.47 22.79 10.54
C LEU D 44 15.81 22.44 9.90
N GLY D 45 16.81 23.28 10.14
CA GLY D 45 18.14 23.09 9.55
C GLY D 45 18.92 21.89 10.07
N THR D 46 18.45 21.25 11.14
CA THR D 46 19.07 19.99 11.57
C THR D 46 18.75 18.89 10.58
N TYR D 47 17.60 18.97 9.93
CA TYR D 47 17.10 17.89 9.09
C TYR D 47 16.97 18.22 7.61
N PHE D 48 16.97 19.50 7.25
CA PHE D 48 16.70 19.90 5.86
C PHE D 48 17.76 20.85 5.35
N ARG D 49 18.15 20.67 4.09
CA ARG D 49 18.93 21.65 3.35
C ARG D 49 18.05 22.18 2.21
N LEU D 50 17.94 23.50 2.13
CA LEU D 50 17.18 24.17 1.08
C LEU D 50 17.96 24.22 -0.22
N LEU D 51 17.42 23.60 -1.26
CA LEU D 51 18.02 23.61 -2.61
C LEU D 51 17.44 24.71 -3.53
N ARG D 52 16.10 24.72 -3.68
CA ARG D 52 15.36 25.74 -4.46
C ARG D 52 14.38 26.40 -3.50
N PRO D 53 14.18 27.73 -3.61
CA PRO D 53 14.88 28.65 -4.47
C PRO D 53 16.35 28.83 -4.05
N ARG D 54 17.22 29.06 -5.03
CA ARG D 54 18.69 29.13 -4.80
C ARG D 54 19.07 30.38 -4.04
N GLY D 55 20.00 30.24 -3.10
CA GLY D 55 20.54 31.38 -2.36
C GLY D 55 19.73 31.80 -1.14
N VAL D 56 18.53 31.27 -1.00
CA VAL D 56 17.70 31.61 0.14
C VAL D 56 18.20 30.78 1.32
N PRO D 57 18.58 31.45 2.43
CA PRO D 57 18.95 30.80 3.69
C PRO D 57 17.75 30.28 4.50
N LEU D 58 17.99 29.28 5.34
CA LEU D 58 16.99 28.82 6.29
C LEU D 58 16.74 29.89 7.34
N ASP D 59 15.98 30.90 6.93
CA ASP D 59 15.62 32.00 7.80
C ASP D 59 14.17 32.35 7.51
N PHE D 60 13.38 32.50 8.56
CA PHE D 60 11.93 32.67 8.42
C PHE D 60 11.54 33.83 7.48
N ARG D 61 12.15 34.99 7.66
CA ARG D 61 11.75 36.17 6.89
C ARG D 61 12.15 36.09 5.41
N GLU D 62 13.33 35.53 5.14
CA GLU D 62 13.78 35.30 3.76
C GLU D 62 12.93 34.28 3.06
N ILE D 63 12.45 33.26 3.78
CA ILE D 63 11.58 32.27 3.18
C ILE D 63 10.24 32.93 2.84
N LEU D 64 9.71 33.71 3.78
CA LEU D 64 8.42 34.43 3.62
C LEU D 64 8.34 35.27 2.36
N LYS D 65 9.45 35.95 2.03
CA LYS D 65 9.53 36.81 0.84
C LYS D 65 9.40 36.04 -0.47
N ARG D 66 9.65 34.74 -0.40
CA ARG D 66 9.67 33.87 -1.59
C ARG D 66 8.58 32.80 -1.53
N VAL D 67 7.51 33.03 -0.76
CA VAL D 67 6.53 31.96 -0.54
C VAL D 67 5.80 31.58 -1.80
N ASN D 68 5.86 32.44 -2.83
CA ASN D 68 5.16 32.22 -4.09
C ASN D 68 5.95 31.38 -5.10
N THR D 69 7.19 31.04 -4.76
CA THR D 69 8.05 30.23 -5.60
C THR D 69 8.04 28.75 -5.14
N PRO D 70 8.21 27.80 -6.06
CA PRO D 70 8.33 26.42 -5.58
C PRO D 70 9.59 26.19 -4.75
N PHE D 71 9.51 25.24 -3.82
CA PHE D 71 10.61 24.88 -2.92
C PHE D 71 11.06 23.43 -3.18
N MET D 72 12.33 23.21 -2.94
CA MET D 72 12.92 21.88 -3.00
C MET D 72 13.94 21.77 -1.87
N PHE D 73 13.82 20.70 -1.10
CA PHE D 73 14.74 20.38 -0.02
C PHE D 73 15.38 19.02 -0.26
N ALA D 74 16.57 18.88 0.32
CA ALA D 74 17.25 17.61 0.45
C ALA D 74 17.31 17.30 1.96
N LEU D 75 17.18 16.03 2.32
CA LEU D 75 17.24 15.61 3.70
C LEU D 75 18.67 15.51 4.23
N LYS D 76 18.83 15.85 5.51
CA LYS D 76 20.04 15.54 6.29
C LYS D 76 19.66 14.48 7.34
N MET D 77 20.11 13.26 7.13
CA MET D 77 19.77 12.16 8.02
C MET D 77 20.75 12.14 9.19
N PRO D 78 20.26 11.96 10.42
CA PRO D 78 21.18 11.75 11.53
C PRO D 78 22.00 10.46 11.33
N GLY D 79 21.32 9.39 10.91
CA GLY D 79 21.97 8.16 10.46
C GLY D 79 22.28 8.21 8.96
N SER D 80 23.54 8.52 8.63
CA SER D 80 23.95 8.79 7.24
C SER D 80 23.88 7.55 6.34
N THR D 81 23.21 7.70 5.19
CA THR D 81 23.05 6.63 4.19
C THR D 81 23.20 7.14 2.73
N ALA D 82 23.62 6.26 1.81
CA ALA D 82 23.60 6.57 0.38
C ALA D 82 22.14 6.67 -0.13
N LEU D 83 21.21 6.13 0.65
CA LEU D 83 19.75 6.16 0.39
C LEU D 83 19.11 7.56 0.43
N ALA D 84 19.29 8.27 1.55
CA ALA D 84 18.44 9.42 1.91
C ALA D 84 18.97 10.84 1.59
N GLU D 85 20.26 10.97 1.28
CA GLU D 85 20.82 12.25 0.78
C GLU D 85 20.18 12.55 -0.59
N GLY D 86 20.29 11.58 -1.50
CA GLY D 86 19.68 11.61 -2.84
C GLY D 86 18.16 11.69 -2.89
N LEU D 87 17.53 11.64 -1.70
CA LEU D 87 16.11 12.00 -1.54
C LEU D 87 15.94 13.52 -1.47
N GLU D 88 15.37 14.05 -2.54
CA GLU D 88 14.91 15.42 -2.60
C GLU D 88 13.40 15.40 -2.48
N ILE D 89 12.84 16.47 -1.95
CA ILE D 89 11.40 16.65 -1.83
C ILE D 89 11.07 17.98 -2.50
N LYS D 90 10.25 17.90 -3.54
CA LYS D 90 9.75 19.10 -4.21
C LYS D 90 8.34 19.42 -3.74
N GLY D 91 8.03 20.70 -3.64
CA GLY D 91 6.69 21.11 -3.25
C GLY D 91 6.52 22.60 -3.11
N GLN D 92 5.57 23.02 -2.28
CA GLN D 92 5.20 24.40 -2.16
C GLN D 92 5.25 24.81 -0.70
N MET D 93 5.60 26.07 -0.47
CA MET D 93 5.52 26.70 0.84
C MET D 93 4.29 27.61 0.92
N VAL D 94 3.60 27.57 2.06
CA VAL D 94 2.40 28.34 2.31
C VAL D 94 2.58 29.02 3.67
N PHE D 95 2.25 30.31 3.76
CA PHE D 95 2.30 31.07 5.01
C PHE D 95 0.90 31.14 5.65
N ALA D 96 0.75 30.52 6.82
CA ALA D 96 -0.51 30.55 7.58
C ALA D 96 -0.47 31.73 8.54
N ALA D 97 -1.02 32.87 8.11
CA ALA D 97 -0.76 34.16 8.74
C ALA D 97 -1.31 34.25 10.16
N GLU D 98 -2.46 33.63 10.38
CA GLU D 98 -3.17 33.64 11.67
C GLU D 98 -2.27 33.16 12.83
N SER D 99 -1.51 32.08 12.61
CA SER D 99 -0.60 31.53 13.63
C SER D 99 0.89 31.80 13.41
N ASP D 100 1.24 32.58 12.39
CA ASP D 100 2.65 32.82 12.06
C ASP D 100 3.42 31.54 11.83
N SER D 101 2.84 30.63 11.05
CA SER D 101 3.44 29.33 10.74
C SER D 101 3.82 29.22 9.26
N LEU D 102 4.83 28.42 8.98
CA LEU D 102 5.15 28.04 7.60
C LEU D 102 4.80 26.59 7.41
N LEU D 103 4.09 26.32 6.31
CA LEU D 103 3.76 24.95 5.89
C LEU D 103 4.41 24.62 4.55
N PHE D 104 5.13 23.51 4.55
CA PHE D 104 5.68 22.93 3.34
C PHE D 104 4.93 21.64 3.06
N VAL D 105 4.38 21.53 1.85
CA VAL D 105 3.82 20.28 1.37
C VAL D 105 4.51 19.88 0.06
N GLY D 106 4.95 18.63 -0.03
CA GLY D 106 5.67 18.19 -1.21
C GLY D 106 5.53 16.71 -1.49
N SER D 107 6.39 16.22 -2.36
CA SER D 107 6.39 14.81 -2.69
C SER D 107 7.80 14.42 -3.02
N PRO D 108 8.19 13.16 -2.73
CA PRO D 108 9.55 12.72 -2.98
C PRO D 108 9.84 12.71 -4.47
N PHE D 109 11.06 13.09 -4.79
CA PHE D 109 11.52 13.24 -6.14
C PHE D 109 12.57 12.16 -6.31
N LEU D 110 12.11 11.04 -6.86
CA LEU D 110 12.84 9.78 -6.86
C LEU D 110 13.86 9.80 -7.98
N ASP D 111 13.69 10.73 -8.92
CA ASP D 111 14.65 10.90 -10.01
C ASP D 111 16.07 11.06 -9.49
N GLY D 112 16.23 11.74 -8.35
CA GLY D 112 17.55 11.88 -7.71
C GLY D 112 18.27 10.59 -7.33
N LEU D 113 17.54 9.48 -7.23
CA LEU D 113 18.13 8.18 -6.90
C LEU D 113 18.69 7.39 -8.10
N GLU D 114 18.49 7.91 -9.32
CA GLU D 114 18.86 7.21 -10.56
C GLU D 114 20.38 6.88 -10.67
N GLY D 115 21.23 7.84 -10.29
CA GLY D 115 22.69 7.60 -10.32
C GLY D 115 23.26 6.92 -9.08
N LEU D 116 22.39 6.50 -8.15
CA LEU D 116 22.81 6.00 -6.84
C LEU D 116 23.53 4.63 -6.86
N THR D 117 24.71 4.65 -6.24
CA THR D 117 25.65 3.54 -6.19
C THR D 117 25.09 2.25 -5.54
#